data_9GIG
#
_entry.id   9GIG
#
_cell.length_a   54.09
_cell.length_b   90.77
_cell.length_c   122.88
_cell.angle_alpha   90
_cell.angle_beta   90
_cell.angle_gamma   90
#
_symmetry.space_group_name_H-M   'P 21 21 21'
#
loop_
_entity.id
_entity.type
_entity.pdbx_description
1 polymer 'Glutamate receptor'
2 polymer 'Isoform 1 of Glutamate receptor ionotropic, NMDA 1'
3 non-polymer 'GLUTAMIC ACID'
4 non-polymer '(2~{R})-2-azanyl-3-[[3-(5-ethyl-3-methyl-1,2-oxazol-4-yl)-5-fluoranyl-phenyl]carbonylamino]propanoic acid'
5 water water
#
loop_
_entity_poly.entity_id
_entity_poly.type
_entity_poly.pdbx_seq_one_letter_code
_entity_poly.pdbx_strand_id
1 'polypeptide(L)'
;GSPDDNHLSIVTLEEAPFVIVEDIDPLTETCVRNTVPCRKFVKINNSTNEGMNVKKCCKGFCIDILKKLSRTVKFTYDLY
LVTNGKHGKKVNNVWNGMIGEVVYQRAVMAVGSLTINEERSEVVDFSVPFVETGISVMVSRGTQVTGLSDKKFQRPHDYS
PPFRFGTVPNGSTERNIRNNYPYMHQYMTRFNQRGVEDALVSLKTGKLDAFIYDAAVLNYKAGRDEGCKLVTIGSGYIFA
TTGYGIALQKGSPWKRQIDLALLQFVGDGEMEELETLWLTGICHN
;
A
2 'polypeptide(L)'
;MSTRLKIVTIHQEPFVYVKPTLSDGTCKEEFTVNGDPVKKVICTGPNDTSPGSPRHTVPQCCYGFCIDLLIKLARTMNFT
YEVHLVADGKFGTQERVNNSNKKEWNGMMGELLSGQADMIVAPLTINNERAQYIEFSKPFKYQGLTILVKKGTRITGIND
PRLRNPSDKFIYATVKQSSVDIYFRRQVELSTMYRHMEKHNYESAAEAIQAVRDNKLHAFIWDSAVLEFEASQKCDLVTT
GELFFRSGFGIGMRKDSPWKQNVSLSILKSHENGFMEDLDKTWVRYQECDS
;
B
#
loop_
_chem_comp.id
_chem_comp.type
_chem_comp.name
_chem_comp.formula
A1ILO non-polymer '(2~{R})-2-azanyl-3-[[3-(5-ethyl-3-methyl-1,2-oxazol-4-yl)-5-fluoranyl-phenyl]carbonylamino]propanoic acid' 'C16 H18 F N3 O4'
#
# COMPACT_ATOMS: atom_id res chain seq x y z
N ASP A 5 -13.14 -25.76 14.47
CA ASP A 5 -11.68 -25.52 14.52
C ASP A 5 -11.42 -24.03 14.71
N ASN A 6 -11.93 -23.52 15.85
CA ASN A 6 -11.99 -22.11 16.14
C ASN A 6 -10.78 -21.63 16.96
N HIS A 7 -9.90 -22.55 17.34
CA HIS A 7 -8.84 -22.24 18.28
C HIS A 7 -7.52 -22.35 17.50
N LEU A 8 -6.89 -21.20 17.24
CA LEU A 8 -5.86 -21.10 16.22
C LEU A 8 -4.48 -20.93 16.84
N SER A 9 -3.53 -21.74 16.36
CA SER A 9 -2.12 -21.53 16.65
C SER A 9 -1.60 -20.37 15.79
N ILE A 10 -1.03 -19.36 16.44
CA ILE A 10 -0.60 -18.15 15.74
C ILE A 10 0.82 -17.83 16.21
N VAL A 11 1.68 -17.55 15.24
CA VAL A 11 3.08 -17.26 15.51
C VAL A 11 3.31 -15.76 15.32
N THR A 12 4.19 -15.19 16.14
CA THR A 12 4.62 -13.80 16.00
C THR A 12 6.12 -13.70 16.29
N LEU A 13 6.64 -12.47 16.32
CA LEU A 13 8.06 -12.21 16.46
C LEU A 13 8.21 -10.81 17.04
N GLU A 14 9.14 -10.61 17.96
CA GLU A 14 9.29 -9.32 18.64
C GLU A 14 9.91 -8.34 17.64
N GLU A 15 9.30 -7.15 17.54
CA GLU A 15 9.84 -6.01 16.82
C GLU A 15 9.02 -4.76 17.16
N ALA A 16 9.55 -3.90 18.05
CA ALA A 16 8.82 -2.74 18.52
C ALA A 16 8.68 -1.74 17.38
N PRO A 17 7.56 -1.03 17.26
CA PRO A 17 6.43 -1.10 18.18
C PRO A 17 5.29 -2.05 17.78
N PHE A 18 5.55 -2.88 16.76
CA PHE A 18 4.56 -3.81 16.21
C PHE A 18 4.26 -4.94 17.19
N VAL A 19 5.32 -5.55 17.74
CA VAL A 19 5.18 -6.58 18.77
C VAL A 19 6.23 -6.34 19.84
N ILE A 20 5.77 -6.22 21.08
CA ILE A 20 6.63 -5.95 22.26
C ILE A 20 6.42 -7.07 23.28
N VAL A 21 7.49 -7.69 23.73
CA VAL A 21 7.41 -8.83 24.64
C VAL A 21 7.93 -8.41 26.01
N GLU A 22 7.13 -8.64 27.07
CA GLU A 22 7.55 -8.37 28.44
C GLU A 22 7.36 -9.61 29.32
N ASP A 23 8.11 -9.64 30.43
CA ASP A 23 8.04 -10.69 31.44
C ASP A 23 6.73 -10.63 32.20
N ILE A 24 6.24 -11.79 32.60
CA ILE A 24 4.92 -11.89 33.20
C ILE A 24 5.10 -11.57 34.68
N ASP A 25 4.08 -10.97 35.29
CA ASP A 25 4.12 -10.69 36.72
C ASP A 25 4.52 -11.99 37.43
N PRO A 26 5.74 -12.08 37.99
CA PRO A 26 6.31 -13.37 38.39
C PRO A 26 5.60 -14.04 39.57
N LEU A 27 4.90 -13.24 40.38
CA LEU A 27 4.08 -13.76 41.47
C LEU A 27 2.83 -14.45 40.91
N THR A 28 2.15 -13.81 39.94
CA THR A 28 0.82 -14.21 39.51
C THR A 28 0.86 -15.13 38.29
N GLU A 29 1.92 -15.01 37.46
CA GLU A 29 1.97 -15.60 36.13
C GLU A 29 0.71 -15.19 35.36
N THR A 30 0.32 -13.91 35.50
CA THR A 30 -0.86 -13.37 34.85
C THR A 30 -0.45 -12.12 34.06
N CYS A 31 -0.87 -12.07 32.78
CA CYS A 31 -0.64 -10.93 31.92
C CYS A 31 -1.56 -9.77 32.34
N VAL A 32 -0.93 -8.64 32.73
CA VAL A 32 -1.60 -7.37 32.99
C VAL A 32 -2.55 -7.06 31.85
N ARG A 33 -3.60 -6.27 32.14
CA ARG A 33 -4.63 -5.92 31.15
C ARG A 33 -3.99 -5.05 30.06
N ASN A 34 -4.42 -5.26 28.81
CA ASN A 34 -3.85 -4.59 27.64
C ASN A 34 -2.77 -5.43 26.96
N THR A 35 -2.36 -6.56 27.56
CA THR A 35 -1.34 -7.42 26.95
C THR A 35 -2.01 -8.77 26.75
N VAL A 36 -1.51 -9.60 25.82
CA VAL A 36 -2.07 -10.95 25.70
C VAL A 36 -0.97 -11.96 26.04
N PRO A 37 -1.35 -13.16 26.54
CA PRO A 37 -0.37 -14.23 26.72
C PRO A 37 0.30 -14.68 25.44
N CYS A 38 1.64 -14.86 25.51
CA CYS A 38 2.42 -15.48 24.46
C CYS A 38 3.47 -16.40 25.08
N ARG A 39 3.74 -17.54 24.44
CA ARG A 39 4.74 -18.46 24.93
C ARG A 39 5.98 -18.38 24.03
N LYS A 40 7.13 -18.68 24.65
CA LYS A 40 8.38 -18.86 23.93
C LYS A 40 9.02 -20.17 24.39
N PHE A 41 9.40 -21.00 23.42
CA PHE A 41 10.14 -22.22 23.66
C PHE A 41 11.62 -21.90 23.87
N VAL A 42 12.15 -22.30 25.02
CA VAL A 42 13.52 -22.00 25.41
C VAL A 42 14.19 -23.34 25.73
N LYS A 43 15.32 -23.59 25.04
CA LYS A 43 16.08 -24.81 25.14
C LYS A 43 16.81 -24.89 26.49
N ILE A 44 17.01 -26.12 26.97
CA ILE A 44 17.68 -26.36 28.24
C ILE A 44 19.18 -26.14 28.06
N ASN A 45 19.71 -26.62 26.91
CA ASN A 45 21.11 -26.42 26.57
C ASN A 45 21.20 -26.53 25.05
N ASN A 46 22.42 -26.40 24.51
CA ASN A 46 22.64 -26.44 23.08
C ASN A 46 22.86 -27.88 22.57
N SER A 47 22.88 -28.87 23.46
CA SER A 47 23.08 -30.25 23.06
C SER A 47 21.79 -31.04 23.03
N THR A 48 20.64 -30.39 22.88
CA THR A 48 19.38 -31.08 23.14
C THR A 48 18.20 -30.37 22.46
N ASN A 49 17.14 -31.14 22.16
CA ASN A 49 15.89 -30.61 21.65
C ASN A 49 14.96 -30.27 22.80
N GLU A 50 15.32 -30.76 24.01
CA GLU A 50 14.58 -30.51 25.24
C GLU A 50 14.55 -29.00 25.52
N GLY A 51 13.42 -28.55 26.02
CA GLY A 51 13.24 -27.15 26.38
C GLY A 51 11.87 -26.97 27.03
N MET A 52 11.55 -25.76 27.43
CA MET A 52 10.28 -25.51 28.09
C MET A 52 9.67 -24.23 27.53
N ASN A 53 8.34 -24.23 27.42
CA ASN A 53 7.59 -23.01 27.15
C ASN A 53 7.67 -22.09 28.34
N VAL A 54 8.18 -20.89 28.12
CA VAL A 54 8.10 -19.83 29.10
C VAL A 54 6.88 -18.94 28.78
N LYS A 55 6.02 -18.68 29.77
CA LYS A 55 4.90 -17.76 29.61
C LYS A 55 5.38 -16.31 29.64
N LYS A 56 5.08 -15.54 28.58
CA LYS A 56 5.44 -14.14 28.45
C LYS A 56 4.15 -13.37 28.19
N CYS A 57 4.28 -12.05 28.01
CA CYS A 57 3.15 -11.18 27.67
C CYS A 57 3.51 -10.30 26.48
N CYS A 58 2.53 -10.18 25.57
CA CYS A 58 2.72 -9.54 24.27
C CYS A 58 1.79 -8.34 24.16
N LYS A 59 2.33 -7.24 23.61
CA LYS A 59 1.53 -6.11 23.23
C LYS A 59 2.11 -5.42 22.00
N GLY A 60 1.36 -4.45 21.45
CA GLY A 60 1.84 -3.62 20.35
C GLY A 60 0.79 -3.39 19.27
N PHE A 61 1.17 -2.68 18.22
CA PHE A 61 0.27 -2.38 17.13
C PHE A 61 -0.33 -3.67 16.55
N CYS A 62 0.50 -4.67 16.27
CA CYS A 62 0.03 -5.88 15.62
C CYS A 62 -0.81 -6.73 16.57
N ILE A 63 -0.46 -6.64 17.87
CA ILE A 63 -1.16 -7.41 18.88
C ILE A 63 -2.60 -6.91 18.96
N ASP A 64 -2.74 -5.59 18.93
CA ASP A 64 -4.03 -4.94 18.95
C ASP A 64 -4.83 -5.33 17.70
N ILE A 65 -4.15 -5.43 16.54
CA ILE A 65 -4.82 -5.89 15.35
C ILE A 65 -5.36 -7.29 15.61
N LEU A 66 -4.52 -8.16 16.18
CA LEU A 66 -4.94 -9.53 16.48
C LEU A 66 -6.18 -9.57 17.38
N LYS A 67 -6.20 -8.73 18.42
CA LYS A 67 -7.33 -8.71 19.35
C LYS A 67 -8.60 -8.33 18.61
N LYS A 68 -8.50 -7.29 17.75
CA LYS A 68 -9.62 -6.86 16.91
C LYS A 68 -10.11 -7.95 15.95
N LEU A 69 -9.18 -8.66 15.29
CA LEU A 69 -9.53 -9.75 14.39
C LEU A 69 -10.24 -10.89 15.12
N SER A 70 -9.68 -11.27 16.29
CA SER A 70 -10.21 -12.30 17.16
C SER A 70 -11.68 -12.09 17.52
N ARG A 71 -12.05 -10.85 17.87
CA ARG A 71 -13.42 -10.45 18.16
C ARG A 71 -14.31 -10.42 16.90
N THR A 72 -13.86 -9.74 15.83
CA THR A 72 -14.64 -9.59 14.60
C THR A 72 -14.85 -10.92 13.89
N VAL A 73 -13.79 -11.71 13.69
CA VAL A 73 -13.83 -12.93 12.90
C VAL A 73 -14.17 -14.14 13.77
N LYS A 74 -14.06 -13.99 15.10
CA LYS A 74 -14.61 -14.92 16.08
C LYS A 74 -13.78 -16.21 16.16
N PHE A 75 -12.50 -16.05 16.53
CA PHE A 75 -11.66 -17.18 16.86
C PHE A 75 -10.97 -16.87 18.19
N THR A 76 -10.50 -17.93 18.86
CA THR A 76 -9.56 -17.81 19.97
C THR A 76 -8.23 -18.28 19.43
N TYR A 77 -7.15 -18.02 20.17
CA TYR A 77 -5.83 -18.28 19.66
C TYR A 77 -4.90 -18.66 20.81
N ASP A 78 -3.84 -19.40 20.48
CA ASP A 78 -2.65 -19.61 21.29
C ASP A 78 -1.45 -18.99 20.57
N LEU A 79 -0.99 -17.84 21.07
CA LEU A 79 0.11 -17.10 20.46
C LEU A 79 1.47 -17.65 20.91
N TYR A 80 2.42 -17.77 19.99
CA TYR A 80 3.78 -18.14 20.35
C TYR A 80 4.80 -17.37 19.52
N LEU A 81 6.02 -17.26 20.07
CA LEU A 81 7.14 -16.58 19.43
C LEU A 81 8.00 -17.55 18.65
N VAL A 82 8.29 -17.24 17.39
CA VAL A 82 9.07 -18.12 16.55
C VAL A 82 10.46 -18.25 17.18
N THR A 83 11.06 -19.44 17.14
CA THR A 83 12.43 -19.59 17.59
C THR A 83 13.39 -20.05 16.49
N ASN A 84 12.89 -20.53 15.35
CA ASN A 84 13.72 -21.00 14.25
C ASN A 84 13.84 -19.90 13.19
N GLY A 85 14.77 -18.96 13.39
CA GLY A 85 14.93 -17.79 12.52
C GLY A 85 13.98 -16.64 12.88
N LYS A 86 13.71 -15.74 11.92
CA LYS A 86 13.02 -14.49 12.23
C LYS A 86 11.80 -14.38 11.32
N HIS A 87 11.78 -13.43 10.38
CA HIS A 87 10.60 -13.21 9.56
C HIS A 87 10.39 -14.35 8.57
N GLY A 88 11.47 -14.77 7.89
CA GLY A 88 11.37 -15.78 6.86
C GLY A 88 12.47 -15.63 5.81
N LYS A 89 13.19 -16.73 5.63
CA LYS A 89 14.20 -16.84 4.59
C LYS A 89 14.22 -18.28 4.11
N LYS A 90 14.31 -18.45 2.77
CA LYS A 90 14.48 -19.76 2.16
C LYS A 90 15.95 -20.17 2.20
N VAL A 91 16.26 -21.26 2.91
CA VAL A 91 17.63 -21.76 3.07
C VAL A 91 17.68 -23.19 2.52
N ASN A 92 18.46 -23.40 1.46
CA ASN A 92 18.56 -24.68 0.79
C ASN A 92 17.17 -25.18 0.44
N ASN A 93 16.34 -24.25 -0.03
CA ASN A 93 14.98 -24.51 -0.49
C ASN A 93 14.04 -24.87 0.66
N VAL A 94 14.37 -24.51 1.91
CA VAL A 94 13.48 -24.72 3.06
C VAL A 94 13.27 -23.40 3.82
N TRP A 95 12.02 -23.03 4.01
CA TRP A 95 11.61 -21.79 4.66
C TRP A 95 11.78 -21.91 6.16
N ASN A 96 12.47 -20.94 6.76
CA ASN A 96 12.55 -20.78 8.20
C ASN A 96 11.67 -19.61 8.64
N GLY A 97 11.71 -19.28 9.93
CA GLY A 97 11.07 -18.08 10.45
C GLY A 97 9.56 -18.24 10.54
N MET A 98 8.87 -17.12 10.71
CA MET A 98 7.42 -17.13 10.73
C MET A 98 6.83 -17.81 9.49
N ILE A 99 7.36 -17.48 8.30
CA ILE A 99 6.86 -18.03 7.04
C ILE A 99 6.94 -19.56 7.09
N GLY A 100 8.09 -20.06 7.53
CA GLY A 100 8.29 -21.48 7.71
C GLY A 100 7.23 -22.11 8.61
N GLU A 101 6.95 -21.46 9.74
CA GLU A 101 5.96 -21.95 10.71
C GLU A 101 4.59 -22.12 10.03
N VAL A 102 4.29 -21.26 9.06
CA VAL A 102 3.03 -21.33 8.35
C VAL A 102 3.09 -22.38 7.22
N VAL A 103 4.17 -22.36 6.42
CA VAL A 103 4.33 -23.30 5.33
C VAL A 103 4.25 -24.74 5.86
N TYR A 104 4.82 -25.04 7.04
CA TYR A 104 4.87 -26.42 7.49
C TYR A 104 3.79 -26.72 8.54
N GLN A 105 2.82 -25.80 8.67
CA GLN A 105 1.53 -26.06 9.31
C GLN A 105 1.64 -26.13 10.84
N ARG A 106 2.70 -25.54 11.40
CA ARG A 106 2.82 -25.40 12.85
C ARG A 106 2.02 -24.17 13.30
N ALA A 107 1.64 -23.30 12.37
CA ALA A 107 0.81 -22.16 12.70
C ALA A 107 -0.27 -21.98 11.66
N VAL A 108 -1.43 -21.47 12.11
CA VAL A 108 -2.54 -21.18 11.22
C VAL A 108 -2.30 -19.82 10.57
N MET A 109 -1.70 -18.88 11.33
CA MET A 109 -1.30 -17.61 10.76
C MET A 109 -0.10 -17.03 11.49
N ALA A 110 0.51 -16.05 10.81
CA ALA A 110 1.64 -15.28 11.31
C ALA A 110 1.23 -13.81 11.31
N VAL A 111 1.44 -13.15 12.43
CA VAL A 111 1.04 -11.76 12.62
C VAL A 111 2.28 -11.03 13.13
N GLY A 112 2.50 -9.81 12.66
CA GLY A 112 3.69 -9.09 13.04
C GLY A 112 4.15 -8.18 11.91
N SER A 113 5.42 -7.76 12.00
CA SER A 113 6.03 -6.87 11.03
C SER A 113 6.51 -7.70 9.84
N LEU A 114 5.57 -8.40 9.16
CA LEU A 114 5.90 -9.38 8.15
C LEU A 114 5.65 -8.81 6.75
N THR A 115 6.71 -8.50 6.00
CA THR A 115 6.58 -7.86 4.71
C THR A 115 6.08 -8.84 3.65
N ILE A 116 5.09 -8.38 2.84
CA ILE A 116 4.58 -9.08 1.67
C ILE A 116 5.59 -8.90 0.53
N ASN A 117 6.14 -10.00 -0.01
CA ASN A 117 6.91 -10.02 -1.25
C ASN A 117 6.47 -11.21 -2.11
N GLU A 118 6.98 -11.26 -3.35
CA GLU A 118 6.60 -12.25 -4.36
C GLU A 118 6.97 -13.67 -3.92
N GLU A 119 8.22 -13.89 -3.55
CA GLU A 119 8.68 -15.24 -3.19
C GLU A 119 7.89 -15.80 -2.00
N ARG A 120 7.50 -14.97 -1.03
CA ARG A 120 6.72 -15.46 0.10
C ARG A 120 5.27 -15.72 -0.33
N SER A 121 4.71 -14.92 -1.25
CA SER A 121 3.35 -15.15 -1.72
C SER A 121 3.23 -16.45 -2.49
N GLU A 122 4.32 -16.96 -3.06
CA GLU A 122 4.30 -18.26 -3.72
C GLU A 122 3.95 -19.38 -2.73
N VAL A 123 4.25 -19.24 -1.44
CA VAL A 123 4.17 -20.35 -0.51
C VAL A 123 3.13 -20.11 0.61
N VAL A 124 2.65 -18.87 0.78
CA VAL A 124 1.63 -18.54 1.76
C VAL A 124 0.62 -17.63 1.06
N ASP A 125 -0.62 -17.61 1.55
CA ASP A 125 -1.54 -16.54 1.24
C ASP A 125 -1.32 -15.36 2.20
N PHE A 126 -1.41 -14.14 1.68
CA PHE A 126 -1.27 -12.93 2.45
C PHE A 126 -2.58 -12.18 2.47
N SER A 127 -2.97 -11.66 3.64
CA SER A 127 -4.06 -10.70 3.74
C SER A 127 -3.78 -9.46 2.90
N VAL A 128 -4.75 -8.53 2.83
CA VAL A 128 -4.51 -7.18 2.35
C VAL A 128 -3.44 -6.57 3.24
N PRO A 129 -2.58 -5.65 2.74
CA PRO A 129 -1.64 -4.94 3.63
C PRO A 129 -2.39 -4.09 4.67
N PHE A 130 -1.94 -4.09 5.93
CA PHE A 130 -2.55 -3.25 6.96
C PHE A 130 -1.57 -2.20 7.51
N VAL A 131 -0.27 -2.27 7.15
CA VAL A 131 0.68 -1.20 7.43
C VAL A 131 1.49 -0.97 6.15
N GLU A 132 1.60 0.28 5.70
CA GLU A 132 2.29 0.57 4.45
C GLU A 132 3.78 0.58 4.75
N THR A 133 4.61 -0.04 3.89
CA THR A 133 6.05 -0.09 4.12
C THR A 133 6.78 -0.29 2.81
N GLY A 134 8.04 -0.68 2.89
CA GLY A 134 8.95 -0.74 1.78
C GLY A 134 10.37 -0.62 2.34
N ILE A 135 11.30 -0.15 1.49
CA ILE A 135 12.68 -0.02 1.85
C ILE A 135 13.01 1.45 1.98
N SER A 136 13.57 1.88 3.12
CA SER A 136 14.04 3.24 3.30
C SER A 136 15.50 3.27 3.73
N VAL A 137 16.07 4.45 3.79
CA VAL A 137 17.42 4.70 4.22
C VAL A 137 17.38 5.73 5.34
N MET A 138 18.03 5.39 6.45
CA MET A 138 18.21 6.27 7.58
C MET A 138 19.64 6.76 7.62
N VAL A 139 19.78 8.07 7.84
CA VAL A 139 21.08 8.72 7.86
C VAL A 139 21.06 9.73 9.00
N SER A 140 22.26 10.21 9.33
CA SER A 140 22.39 11.34 10.21
C SER A 140 22.10 12.60 9.40
N ARG A 141 21.16 13.46 9.88
CA ARG A 141 20.72 14.68 9.22
C ARG A 141 21.91 15.45 8.61
N GLY A 142 21.73 15.88 7.35
CA GLY A 142 22.75 16.60 6.57
C GLY A 142 23.35 15.74 5.46
N THR A 143 23.36 14.41 5.66
CA THR A 143 23.89 13.48 4.67
C THR A 143 23.06 13.58 3.40
N GLN A 144 23.75 13.77 2.27
CA GLN A 144 23.12 14.00 0.97
C GLN A 144 23.16 12.70 0.14
N VAL A 145 22.03 11.98 0.12
CA VAL A 145 21.85 10.86 -0.80
C VAL A 145 20.39 10.85 -1.28
N THR A 146 20.21 10.50 -2.57
CA THR A 146 18.92 10.68 -3.25
C THR A 146 17.97 9.55 -2.86
N GLY A 147 18.52 8.33 -2.71
CA GLY A 147 17.77 7.17 -2.25
C GLY A 147 18.53 5.88 -2.54
N LEU A 148 17.86 4.74 -2.32
CA LEU A 148 18.41 3.41 -2.59
C LEU A 148 19.13 3.35 -3.95
N SER A 149 18.61 4.10 -4.92
CA SER A 149 19.01 4.05 -6.31
C SER A 149 20.25 4.90 -6.59
N ASP A 150 20.80 5.61 -5.58
CA ASP A 150 21.92 6.53 -5.79
C ASP A 150 23.22 5.76 -6.05
N LYS A 151 24.13 6.36 -6.82
CA LYS A 151 25.35 5.71 -7.30
C LYS A 151 26.37 5.56 -6.16
N LYS A 152 26.14 6.26 -5.07
CA LYS A 152 26.94 6.11 -3.85
C LYS A 152 26.69 4.75 -3.22
N PHE A 153 25.51 4.18 -3.46
CA PHE A 153 25.17 2.82 -3.04
C PHE A 153 25.42 1.79 -4.14
N GLN A 154 25.12 2.17 -5.39
CA GLN A 154 25.17 1.27 -6.53
C GLN A 154 26.61 1.03 -6.99
N ARG A 155 27.46 2.05 -6.93
CA ARG A 155 28.86 1.91 -7.33
C ARG A 155 29.75 2.54 -6.24
N PRO A 156 29.78 1.95 -5.02
CA PRO A 156 30.32 2.64 -3.85
C PRO A 156 31.78 3.10 -4.02
N HIS A 157 32.56 2.35 -4.79
CA HIS A 157 34.00 2.56 -4.93
C HIS A 157 34.35 3.59 -6.01
N ASP A 158 33.34 4.19 -6.65
CA ASP A 158 33.52 5.35 -7.48
C ASP A 158 33.91 6.57 -6.62
N TYR A 159 33.60 6.51 -5.32
CA TYR A 159 33.78 7.64 -4.42
C TYR A 159 34.88 7.34 -3.41
N SER A 160 35.49 8.43 -2.95
CA SER A 160 36.57 8.39 -1.99
C SER A 160 36.31 9.45 -0.92
N PRO A 161 35.92 9.09 0.32
CA PRO A 161 35.83 7.70 0.75
C PRO A 161 34.51 7.05 0.37
N PRO A 162 34.48 5.70 0.24
CA PRO A 162 33.24 4.99 -0.01
C PRO A 162 32.26 5.06 1.17
N PHE A 163 30.99 5.31 0.85
CA PHE A 163 29.94 5.30 1.85
C PHE A 163 29.96 3.97 2.62
N ARG A 164 29.78 4.03 3.93
CA ARG A 164 29.64 2.84 4.76
C ARG A 164 28.15 2.62 5.03
N PHE A 165 27.59 1.52 4.54
CA PHE A 165 26.17 1.29 4.74
C PHE A 165 25.87 -0.19 4.80
N GLY A 166 24.74 -0.52 5.44
CA GLY A 166 24.43 -1.90 5.70
C GLY A 166 22.95 -2.08 6.06
N THR A 167 22.55 -3.34 6.24
CA THR A 167 21.21 -3.74 6.66
C THR A 167 21.33 -4.87 7.68
N VAL A 168 20.19 -5.33 8.20
CA VAL A 168 20.07 -6.54 9.01
C VAL A 168 19.80 -7.68 8.03
N PRO A 169 20.70 -8.68 7.91
CA PRO A 169 20.53 -9.70 6.87
C PRO A 169 19.31 -10.58 7.08
N ASN A 170 18.98 -11.38 6.06
CA ASN A 170 18.10 -12.56 6.15
C ASN A 170 16.62 -12.21 6.12
N GLY A 171 16.29 -10.92 5.94
CA GLY A 171 14.92 -10.47 5.73
C GLY A 171 14.65 -10.00 4.31
N SER A 172 13.43 -9.43 4.14
CA SER A 172 12.96 -8.96 2.84
C SER A 172 13.83 -7.85 2.20
N THR A 173 14.41 -6.94 3.01
CA THR A 173 15.30 -5.89 2.51
C THR A 173 16.51 -6.53 1.82
N GLU A 174 17.19 -7.41 2.52
CA GLU A 174 18.40 -8.01 1.98
C GLU A 174 18.07 -8.85 0.74
N ARG A 175 16.95 -9.58 0.78
CA ARG A 175 16.55 -10.37 -0.36
C ARG A 175 16.39 -9.45 -1.58
N ASN A 176 15.75 -8.31 -1.40
CA ASN A 176 15.49 -7.41 -2.49
C ASN A 176 16.81 -6.84 -3.06
N ILE A 177 17.74 -6.41 -2.18
CA ILE A 177 18.98 -5.84 -2.67
C ILE A 177 19.81 -6.90 -3.42
N ARG A 178 19.78 -8.15 -2.94
CA ARG A 178 20.49 -9.25 -3.58
C ARG A 178 20.01 -9.46 -5.00
N ASN A 179 18.70 -9.46 -5.22
CA ASN A 179 18.16 -9.70 -6.55
C ASN A 179 18.41 -8.52 -7.50
N ASN A 180 18.41 -7.27 -7.00
CA ASN A 180 18.39 -6.10 -7.87
C ASN A 180 19.78 -5.49 -8.07
N TYR A 181 20.62 -5.46 -7.02
CA TYR A 181 21.89 -4.73 -7.12
C TYR A 181 23.03 -5.64 -6.67
N PRO A 182 23.54 -6.55 -7.52
CA PRO A 182 24.53 -7.51 -7.05
C PRO A 182 25.81 -6.90 -6.48
N TYR A 183 26.30 -5.80 -7.05
CA TYR A 183 27.57 -5.28 -6.55
C TYR A 183 27.34 -4.64 -5.17
N MET A 184 26.25 -3.87 -5.06
CA MET A 184 25.85 -3.26 -3.80
C MET A 184 25.70 -4.32 -2.72
N HIS A 185 25.00 -5.42 -3.03
CA HIS A 185 24.78 -6.48 -2.06
C HIS A 185 26.11 -7.01 -1.49
N GLN A 186 27.07 -7.37 -2.35
CA GLN A 186 28.30 -7.97 -1.85
C GLN A 186 29.16 -6.97 -1.07
N TYR A 187 29.19 -5.70 -1.49
CA TYR A 187 29.89 -4.66 -0.75
C TYR A 187 29.32 -4.48 0.66
N MET A 188 27.99 -4.45 0.79
CA MET A 188 27.32 -4.22 2.05
C MET A 188 27.52 -5.28 3.14
N THR A 189 27.79 -6.54 2.80
CA THR A 189 27.83 -7.64 3.75
C THR A 189 28.85 -7.39 4.86
N ARG A 190 29.93 -6.70 4.53
CA ARG A 190 30.91 -6.20 5.48
C ARG A 190 30.29 -5.33 6.59
N PHE A 191 29.23 -4.55 6.29
CA PHE A 191 28.65 -3.63 7.25
C PHE A 191 27.32 -4.09 7.80
N ASN A 192 27.02 -5.37 7.69
CA ASN A 192 25.70 -5.81 8.08
C ASN A 192 25.66 -5.82 9.59
N GLN A 193 24.48 -5.55 10.13
CA GLN A 193 24.28 -5.33 11.55
C GLN A 193 23.38 -6.42 12.08
N ARG A 194 23.60 -6.78 13.35
CA ARG A 194 22.86 -7.85 14.00
C ARG A 194 21.39 -7.48 14.14
N GLY A 195 21.10 -6.20 14.38
CA GLY A 195 19.74 -5.76 14.54
C GLY A 195 19.68 -4.25 14.47
N VAL A 196 18.46 -3.73 14.61
CA VAL A 196 18.17 -2.32 14.46
C VAL A 196 18.92 -1.50 15.53
N GLU A 197 18.95 -1.99 16.78
CA GLU A 197 19.56 -1.24 17.85
C GLU A 197 21.06 -1.08 17.62
N ASP A 198 21.73 -2.17 17.23
CA ASP A 198 23.12 -2.11 16.85
C ASP A 198 23.30 -1.06 15.76
N ALA A 199 22.40 -1.07 14.77
CA ALA A 199 22.53 -0.20 13.63
C ALA A 199 22.40 1.26 14.06
N LEU A 200 21.42 1.59 14.88
CA LEU A 200 21.25 2.98 15.31
C LEU A 200 22.50 3.48 16.08
N VAL A 201 23.10 2.61 16.89
CA VAL A 201 24.28 2.99 17.64
C VAL A 201 25.44 3.27 16.67
N SER A 202 25.64 2.43 15.67
CA SER A 202 26.68 2.62 14.66
C SER A 202 26.50 3.96 13.96
N LEU A 203 25.26 4.28 13.59
CA LEU A 203 24.96 5.55 12.95
C LEU A 203 25.36 6.72 13.85
N LYS A 204 24.91 6.69 15.11
CA LYS A 204 25.04 7.81 16.02
C LYS A 204 26.50 8.05 16.38
N THR A 205 27.34 7.03 16.23
CA THR A 205 28.72 7.09 16.69
C THR A 205 29.70 7.11 15.52
N GLY A 206 29.22 7.45 14.31
CA GLY A 206 30.09 7.65 13.17
C GLY A 206 30.66 6.37 12.56
N LYS A 207 30.11 5.20 12.88
CA LYS A 207 30.68 3.93 12.39
C LYS A 207 29.99 3.46 11.12
N LEU A 208 28.86 4.10 10.81
CA LEU A 208 28.03 3.81 9.67
C LEU A 208 27.48 5.13 9.12
N ASP A 209 27.40 5.28 7.79
CA ASP A 209 26.86 6.45 7.14
C ASP A 209 25.38 6.30 6.81
N ALA A 210 24.91 5.07 6.51
CA ALA A 210 23.51 4.86 6.22
C ALA A 210 23.08 3.46 6.62
N PHE A 211 21.81 3.30 6.97
CA PHE A 211 21.22 2.03 7.31
C PHE A 211 19.94 1.86 6.48
N ILE A 212 19.93 0.84 5.62
CA ILE A 212 18.83 0.54 4.71
C ILE A 212 17.96 -0.56 5.34
N TYR A 213 16.65 -0.33 5.51
CA TYR A 213 15.81 -1.29 6.24
C TYR A 213 14.33 -0.98 5.99
N ASP A 214 13.46 -1.82 6.54
CA ASP A 214 12.02 -1.63 6.51
C ASP A 214 11.62 -0.20 6.82
N ALA A 215 10.76 0.38 5.98
CA ALA A 215 10.38 1.78 6.06
C ALA A 215 9.54 2.05 7.30
N ALA A 216 8.58 1.17 7.63
CA ALA A 216 7.72 1.38 8.79
C ALA A 216 8.54 1.50 10.09
N VAL A 217 9.51 0.61 10.29
CA VAL A 217 10.31 0.63 11.50
C VAL A 217 11.23 1.86 11.51
N LEU A 218 11.88 2.19 10.40
CA LEU A 218 12.76 3.35 10.33
C LEU A 218 12.00 4.65 10.62
N ASN A 219 10.79 4.82 10.08
CA ASN A 219 10.01 6.03 10.33
C ASN A 219 9.70 6.16 11.81
N TYR A 220 9.30 5.05 12.43
CA TYR A 220 9.03 5.05 13.85
C TYR A 220 10.28 5.52 14.61
N LYS A 221 11.43 4.87 14.35
CA LYS A 221 12.66 5.17 15.08
C LYS A 221 13.07 6.63 14.89
N ALA A 222 13.02 7.14 13.66
CA ALA A 222 13.30 8.53 13.34
C ALA A 222 12.45 9.50 14.17
N GLY A 223 11.17 9.17 14.32
CA GLY A 223 10.22 10.00 15.06
C GLY A 223 10.45 9.98 16.56
N ARG A 224 11.14 8.96 17.07
CA ARG A 224 11.42 8.84 18.50
C ARG A 224 12.87 9.23 18.79
N ASP A 225 13.63 9.71 17.80
CA ASP A 225 15.06 9.89 17.97
C ASP A 225 15.35 11.07 18.90
N GLU A 226 16.12 10.82 19.97
CA GLU A 226 16.64 11.87 20.84
C GLU A 226 17.40 12.91 20.02
N GLY A 227 16.83 14.13 19.94
CA GLY A 227 17.47 15.24 19.25
C GLY A 227 17.01 15.37 17.80
N CYS A 228 16.41 14.31 17.27
CA CYS A 228 16.01 14.30 15.87
C CYS A 228 17.24 14.39 14.98
N LYS A 229 18.29 13.65 15.34
CA LYS A 229 19.51 13.56 14.54
C LYS A 229 19.31 12.63 13.33
N LEU A 230 18.65 11.48 13.54
CA LEU A 230 18.47 10.48 12.49
C LEU A 230 17.15 10.69 11.75
N VAL A 231 17.28 10.79 10.44
CA VAL A 231 16.20 11.07 9.51
C VAL A 231 16.19 9.98 8.45
N THR A 232 15.03 9.81 7.84
CA THR A 232 14.90 9.00 6.66
C THR A 232 14.71 9.96 5.49
N ILE A 233 15.23 9.59 4.33
CA ILE A 233 15.17 10.41 3.12
C ILE A 233 13.95 10.00 2.28
N ILE A 238 10.33 5.83 -0.21
CA ILE A 238 10.13 4.36 -0.07
C ILE A 238 10.27 3.72 -1.44
N PHE A 239 11.21 2.80 -1.57
CA PHE A 239 11.41 1.96 -2.73
C PHE A 239 10.67 0.65 -2.48
N ALA A 240 10.16 0.04 -3.57
CA ALA A 240 9.39 -1.19 -3.52
C ALA A 240 8.28 -1.13 -2.45
N THR A 241 7.41 -0.13 -2.56
CA THR A 241 6.30 -0.04 -1.64
C THR A 241 5.55 -1.39 -1.60
N THR A 242 5.22 -1.80 -0.38
CA THR A 242 4.39 -2.95 -0.13
C THR A 242 3.75 -2.70 1.24
N GLY A 243 3.44 -3.75 1.94
CA GLY A 243 2.96 -3.58 3.29
C GLY A 243 3.23 -4.84 4.10
N TYR A 244 2.87 -4.76 5.37
CA TYR A 244 2.85 -5.91 6.23
C TYR A 244 1.53 -6.59 6.00
N GLY A 245 1.50 -7.92 6.05
CA GLY A 245 0.24 -8.64 5.98
C GLY A 245 0.23 -9.79 6.97
N ILE A 246 -0.97 -10.28 7.27
CA ILE A 246 -1.11 -11.57 7.93
C ILE A 246 -0.79 -12.67 6.92
N ALA A 247 0.14 -13.59 7.25
CA ALA A 247 0.38 -14.76 6.45
C ALA A 247 -0.52 -15.90 6.90
N LEU A 248 -1.20 -16.56 5.95
CA LEU A 248 -1.98 -17.77 6.17
C LEU A 248 -1.55 -18.88 5.22
N GLN A 249 -1.96 -20.11 5.55
CA GLN A 249 -1.67 -21.25 4.70
C GLN A 249 -2.41 -21.11 3.39
N LYS A 250 -1.80 -21.62 2.30
CA LYS A 250 -2.38 -21.53 0.97
C LYS A 250 -3.79 -22.10 1.00
N GLY A 251 -4.74 -21.36 0.43
CA GLY A 251 -6.12 -21.81 0.38
C GLY A 251 -6.81 -21.79 1.74
N SER A 252 -6.34 -20.92 2.65
CA SER A 252 -6.89 -20.81 3.99
C SER A 252 -8.34 -20.37 3.97
N PRO A 253 -9.24 -21.02 4.73
CA PRO A 253 -10.62 -20.54 4.85
C PRO A 253 -10.79 -19.28 5.73
N TRP A 254 -9.72 -18.85 6.43
CA TRP A 254 -9.79 -17.64 7.26
C TRP A 254 -9.49 -16.37 6.46
N LYS A 255 -8.90 -16.49 5.28
CA LYS A 255 -8.47 -15.34 4.50
C LYS A 255 -9.60 -14.36 4.17
N ARG A 256 -10.75 -14.88 3.70
CA ARG A 256 -11.87 -14.04 3.30
C ARG A 256 -12.22 -13.09 4.43
N GLN A 257 -12.54 -13.59 5.63
CA GLN A 257 -13.06 -12.72 6.68
C GLN A 257 -11.98 -11.78 7.23
N ILE A 258 -10.73 -12.26 7.31
CA ILE A 258 -9.63 -11.44 7.79
C ILE A 258 -9.43 -10.22 6.88
N ASP A 259 -9.34 -10.44 5.57
CA ASP A 259 -9.29 -9.35 4.60
C ASP A 259 -10.44 -8.35 4.78
N LEU A 260 -11.66 -8.85 4.88
CA LEU A 260 -12.79 -7.94 5.05
C LEU A 260 -12.67 -7.14 6.34
N ALA A 261 -12.29 -7.80 7.45
CA ALA A 261 -12.15 -7.10 8.73
C ALA A 261 -11.05 -6.04 8.67
N LEU A 262 -9.91 -6.37 8.07
CA LEU A 262 -8.84 -5.39 7.98
C LEU A 262 -9.32 -4.16 7.21
N LEU A 263 -10.03 -4.36 6.08
CA LEU A 263 -10.53 -3.25 5.27
C LEU A 263 -11.61 -2.43 5.98
N GLN A 264 -12.47 -3.09 6.76
CA GLN A 264 -13.42 -2.44 7.64
C GLN A 264 -12.72 -1.51 8.63
N PHE A 265 -11.62 -1.96 9.27
CA PHE A 265 -10.89 -1.13 10.23
C PHE A 265 -10.33 0.12 9.56
N VAL A 266 -9.93 0.03 8.28
CA VAL A 266 -9.40 1.20 7.59
C VAL A 266 -10.55 2.21 7.43
N GLY A 267 -11.73 1.72 7.02
CA GLY A 267 -12.85 2.60 6.73
C GLY A 267 -13.59 3.08 7.98
N ASP A 268 -13.44 2.38 9.11
CA ASP A 268 -14.08 2.72 10.38
C ASP A 268 -13.34 3.80 11.18
N GLY A 269 -12.03 4.01 10.93
CA GLY A 269 -11.23 4.87 11.79
C GLY A 269 -10.44 4.10 12.86
N GLU A 270 -10.71 2.81 13.06
CA GLU A 270 -10.00 1.98 14.02
C GLU A 270 -8.51 1.88 13.73
N MET A 271 -8.14 1.92 12.44
CA MET A 271 -6.73 1.84 12.04
C MET A 271 -5.98 3.12 12.40
N GLU A 272 -6.63 4.27 12.14
CA GLU A 272 -6.11 5.58 12.49
C GLU A 272 -5.88 5.68 14.00
N GLU A 273 -6.79 5.15 14.82
CA GLU A 273 -6.63 5.14 16.28
C GLU A 273 -5.39 4.33 16.70
N LEU A 274 -5.24 3.12 16.16
CA LEU A 274 -4.06 2.32 16.43
C LEU A 274 -2.78 3.03 16.01
N GLU A 275 -2.81 3.75 14.89
CA GLU A 275 -1.60 4.41 14.41
C GLU A 275 -1.17 5.48 15.41
N THR A 276 -2.14 6.26 15.89
CA THR A 276 -1.93 7.29 16.90
C THR A 276 -1.46 6.66 18.21
N LEU A 277 -2.12 5.57 18.61
CA LEU A 277 -1.78 4.91 19.85
C LEU A 277 -0.30 4.55 19.84
N TRP A 278 0.21 3.97 18.75
CA TRP A 278 1.45 3.23 18.82
C TRP A 278 2.61 3.86 18.04
N LEU A 279 2.35 4.56 16.92
CA LEU A 279 3.39 4.86 15.94
C LEU A 279 3.66 6.37 15.87
N THR A 280 2.97 7.19 16.67
CA THR A 280 3.21 8.61 16.74
C THR A 280 4.66 8.87 17.17
N GLY A 281 5.28 9.91 16.60
CA GLY A 281 6.62 10.35 16.97
C GLY A 281 6.63 11.82 17.34
N ILE A 282 7.77 12.33 17.85
CA ILE A 282 7.93 13.77 18.08
C ILE A 282 8.53 14.41 16.83
N CYS A 283 9.68 13.92 16.37
CA CYS A 283 10.30 14.49 15.18
C CYS A 283 9.36 14.27 13.97
N THR B 3 -8.91 -17.14 -23.75
CA THR B 3 -8.49 -15.79 -23.32
C THR B 3 -9.29 -14.74 -24.11
N ARG B 4 -8.64 -13.62 -24.42
CA ARG B 4 -9.31 -12.43 -24.90
C ARG B 4 -10.10 -11.82 -23.74
N LEU B 5 -9.39 -11.04 -22.94
CA LEU B 5 -9.96 -10.41 -21.77
C LEU B 5 -10.52 -9.05 -22.15
N LYS B 6 -11.76 -8.81 -21.75
CA LYS B 6 -12.35 -7.49 -21.80
C LYS B 6 -11.94 -6.68 -20.59
N ILE B 7 -11.27 -5.56 -20.86
CA ILE B 7 -10.76 -4.65 -19.87
C ILE B 7 -11.66 -3.42 -19.88
N VAL B 8 -12.24 -3.09 -18.71
CA VAL B 8 -12.87 -1.80 -18.56
C VAL B 8 -11.88 -0.88 -17.84
N THR B 9 -11.83 0.37 -18.28
CA THR B 9 -11.14 1.43 -17.57
C THR B 9 -11.98 2.70 -17.63
N ILE B 10 -11.37 3.80 -17.20
CA ILE B 10 -12.02 5.09 -17.08
C ILE B 10 -10.99 6.19 -17.39
N HIS B 11 -11.49 7.32 -17.91
CA HIS B 11 -10.69 8.51 -18.12
C HIS B 11 -10.30 9.13 -16.78
N GLN B 12 -8.98 9.34 -16.59
CA GLN B 12 -8.45 9.85 -15.34
C GLN B 12 -6.93 10.02 -15.44
N GLU B 13 -6.51 11.24 -15.80
CA GLU B 13 -5.10 11.52 -15.97
C GLU B 13 -4.43 11.55 -14.60
N PRO B 14 -3.17 11.09 -14.44
CA PRO B 14 -2.35 10.52 -15.52
C PRO B 14 -2.39 9.00 -15.67
N PHE B 15 -3.44 8.34 -15.17
CA PHE B 15 -3.56 6.90 -15.24
C PHE B 15 -4.03 6.45 -16.63
N VAL B 16 -5.04 7.13 -17.17
CA VAL B 16 -5.60 6.84 -18.48
C VAL B 16 -5.97 8.16 -19.16
N TYR B 17 -5.17 8.55 -20.15
CA TYR B 17 -5.49 9.58 -21.11
C TYR B 17 -6.35 8.99 -22.23
N VAL B 18 -7.26 9.81 -22.75
CA VAL B 18 -8.19 9.35 -23.77
C VAL B 18 -8.16 10.39 -24.88
N LYS B 19 -7.84 9.97 -26.10
CA LYS B 19 -7.69 10.89 -27.22
C LYS B 19 -8.38 10.37 -28.48
N PRO B 20 -8.76 11.28 -29.43
CA PRO B 20 -9.27 10.87 -30.74
C PRO B 20 -8.26 10.06 -31.56
N THR B 21 -8.72 9.01 -32.26
CA THR B 21 -7.88 8.40 -33.27
C THR B 21 -7.70 9.44 -34.38
N LEU B 22 -6.62 9.35 -35.14
CA LEU B 22 -6.50 10.09 -36.39
C LEU B 22 -7.42 9.49 -37.46
N SER B 23 -7.48 10.11 -38.65
CA SER B 23 -8.51 9.83 -39.63
C SER B 23 -8.46 8.40 -40.18
N ASP B 24 -7.28 7.75 -40.12
CA ASP B 24 -7.12 6.39 -40.64
C ASP B 24 -7.48 5.30 -39.63
N GLY B 25 -7.60 5.64 -38.34
CA GLY B 25 -7.96 4.69 -37.28
C GLY B 25 -6.81 4.32 -36.34
N THR B 26 -5.67 5.04 -36.45
CA THR B 26 -4.46 4.77 -35.69
C THR B 26 -4.26 5.87 -34.64
N CYS B 27 -3.26 5.68 -33.79
CA CYS B 27 -2.92 6.63 -32.75
C CYS B 27 -1.71 7.47 -33.17
N LYS B 28 -1.76 8.76 -32.83
CA LYS B 28 -0.65 9.67 -33.05
C LYS B 28 0.62 9.10 -32.41
N GLU B 29 1.64 8.84 -33.25
CA GLU B 29 2.97 8.49 -32.79
C GLU B 29 3.51 9.59 -31.89
N GLU B 30 3.95 9.22 -30.67
CA GLU B 30 4.34 10.17 -29.64
C GLU B 30 5.49 9.59 -28.81
N PHE B 31 6.29 10.48 -28.23
CA PHE B 31 7.57 10.11 -27.66
C PHE B 31 7.74 10.83 -26.34
N THR B 32 8.28 10.12 -25.33
CA THR B 32 8.70 10.78 -24.10
C THR B 32 9.98 11.58 -24.39
N VAL B 33 10.26 12.58 -23.55
CA VAL B 33 11.62 13.13 -23.46
C VAL B 33 12.54 11.94 -23.13
N ASN B 34 13.58 11.75 -23.97
CA ASN B 34 14.47 10.60 -23.92
C ASN B 34 14.40 9.81 -25.23
N GLY B 35 13.28 9.98 -25.97
CA GLY B 35 13.08 9.38 -27.28
C GLY B 35 12.44 7.99 -27.19
N ASP B 36 11.75 7.73 -26.07
CA ASP B 36 11.08 6.47 -25.82
C ASP B 36 9.65 6.56 -26.33
N PRO B 37 9.16 5.52 -27.04
CA PRO B 37 7.82 5.57 -27.64
C PRO B 37 6.70 5.39 -26.61
N VAL B 38 5.73 6.33 -26.62
CA VAL B 38 4.56 6.22 -25.77
C VAL B 38 3.68 5.11 -26.33
N LYS B 39 3.48 4.02 -25.58
CA LYS B 39 2.63 2.94 -26.07
C LYS B 39 1.15 3.31 -25.96
N LYS B 40 0.35 2.99 -26.99
CA LYS B 40 -1.05 3.39 -27.06
C LYS B 40 -1.92 2.21 -27.48
N VAL B 41 -3.16 2.14 -26.97
CA VAL B 41 -4.05 1.06 -27.33
C VAL B 41 -5.34 1.67 -27.87
N ILE B 42 -6.00 0.93 -28.76
CA ILE B 42 -7.34 1.32 -29.21
C ILE B 42 -8.32 1.01 -28.09
N CYS B 43 -9.08 2.02 -27.61
CA CYS B 43 -10.14 1.79 -26.63
C CYS B 43 -11.50 2.32 -27.13
N THR B 44 -12.53 1.48 -27.06
CA THR B 44 -13.87 1.91 -27.42
C THR B 44 -14.57 2.55 -26.22
N GLY B 45 -15.36 3.59 -26.49
CA GLY B 45 -16.13 4.26 -25.45
C GLY B 45 -17.20 5.15 -26.08
N PRO B 46 -18.16 5.67 -25.27
CA PRO B 46 -19.27 6.45 -25.80
C PRO B 46 -18.84 7.76 -26.46
N ARG B 55 -25.71 4.52 -25.77
CA ARG B 55 -24.33 3.99 -25.70
C ARG B 55 -23.84 3.76 -27.14
N HIS B 56 -23.67 4.87 -27.88
CA HIS B 56 -23.08 4.86 -29.22
C HIS B 56 -21.55 4.98 -29.08
N THR B 57 -20.89 3.84 -29.28
CA THR B 57 -19.48 3.64 -29.02
C THR B 57 -18.64 4.00 -30.25
N VAL B 58 -17.46 4.60 -30.05
CA VAL B 58 -16.54 4.91 -31.14
C VAL B 58 -15.11 4.54 -30.71
N PRO B 59 -14.23 4.08 -31.64
CA PRO B 59 -12.84 3.82 -31.28
C PRO B 59 -12.12 5.10 -30.88
N GLN B 60 -11.26 4.99 -29.84
CA GLN B 60 -10.44 6.08 -29.30
C GLN B 60 -9.05 5.57 -28.89
N CYS B 61 -8.17 6.47 -28.48
CA CYS B 61 -6.79 6.14 -28.14
C CYS B 61 -6.53 6.32 -26.64
N CYS B 62 -6.03 5.27 -25.98
CA CYS B 62 -5.78 5.26 -24.54
C CYS B 62 -4.29 5.08 -24.27
N TYR B 63 -3.77 5.80 -23.26
CA TYR B 63 -2.42 5.57 -22.74
C TYR B 63 -2.26 6.14 -21.35
N GLY B 64 -1.06 5.96 -20.76
CA GLY B 64 -0.75 6.35 -19.38
C GLY B 64 -0.32 5.18 -18.48
N PHE B 65 -0.12 5.50 -17.20
CA PHE B 65 0.36 4.59 -16.19
C PHE B 65 -0.46 3.29 -16.24
N CYS B 66 -1.79 3.33 -16.17
CA CYS B 66 -2.57 2.09 -16.12
C CYS B 66 -2.45 1.31 -17.42
N ILE B 67 -2.36 2.01 -18.57
CA ILE B 67 -2.22 1.32 -19.84
C ILE B 67 -0.87 0.60 -19.93
N ASP B 68 0.23 1.28 -19.52
CA ASP B 68 1.52 0.61 -19.47
C ASP B 68 1.48 -0.59 -18.53
N LEU B 69 0.80 -0.48 -17.38
CA LEU B 69 0.67 -1.62 -16.47
C LEU B 69 -0.05 -2.79 -17.15
N LEU B 70 -1.13 -2.50 -17.89
CA LEU B 70 -1.89 -3.56 -18.56
C LEU B 70 -1.00 -4.27 -19.59
N ILE B 71 -0.28 -3.49 -20.39
CA ILE B 71 0.60 -4.06 -21.40
C ILE B 71 1.61 -4.98 -20.69
N LYS B 72 2.27 -4.45 -19.65
CA LYS B 72 3.15 -5.25 -18.82
C LYS B 72 2.46 -6.54 -18.40
N LEU B 73 1.27 -6.43 -17.80
CA LEU B 73 0.53 -7.61 -17.34
C LEU B 73 0.24 -8.59 -18.49
N ALA B 74 -0.14 -8.09 -19.67
CA ALA B 74 -0.58 -8.94 -20.78
C ALA B 74 0.60 -9.72 -21.34
N ARG B 75 1.75 -9.05 -21.43
CA ARG B 75 3.01 -9.64 -21.88
C ARG B 75 3.49 -10.70 -20.87
N THR B 76 3.43 -10.39 -19.57
CA THR B 76 3.91 -11.27 -18.50
C THR B 76 3.12 -12.57 -18.49
N MET B 77 1.80 -12.46 -18.31
CA MET B 77 0.95 -13.62 -18.07
C MET B 77 0.41 -14.19 -19.36
N ASN B 78 0.71 -13.54 -20.49
CA ASN B 78 0.43 -14.10 -21.80
C ASN B 78 -1.08 -14.11 -21.99
N PHE B 79 -1.67 -12.92 -22.22
CA PHE B 79 -3.06 -12.84 -22.62
C PHE B 79 -3.22 -11.72 -23.64
N THR B 80 -4.37 -11.75 -24.34
CA THR B 80 -4.79 -10.70 -25.27
C THR B 80 -6.04 -10.05 -24.68
N TYR B 81 -6.35 -8.82 -25.14
CA TYR B 81 -7.38 -8.02 -24.49
C TYR B 81 -8.00 -7.05 -25.50
N GLU B 82 -9.20 -6.59 -25.16
CA GLU B 82 -9.82 -5.41 -25.75
C GLU B 82 -10.19 -4.47 -24.61
N VAL B 83 -9.86 -3.18 -24.75
CA VAL B 83 -10.17 -2.18 -23.74
C VAL B 83 -11.41 -1.39 -24.14
N HIS B 84 -12.32 -1.15 -23.18
CA HIS B 84 -13.36 -0.14 -23.34
C HIS B 84 -13.43 0.77 -22.11
N LEU B 85 -13.86 2.01 -22.34
CA LEU B 85 -14.20 2.94 -21.29
C LEU B 85 -15.59 2.58 -20.76
N VAL B 86 -15.75 2.68 -19.44
CA VAL B 86 -17.00 2.34 -18.78
C VAL B 86 -18.14 3.22 -19.33
N ALA B 87 -19.26 2.56 -19.67
CA ALA B 87 -20.36 3.25 -20.34
C ALA B 87 -20.90 4.46 -19.58
N ASP B 88 -21.01 4.43 -18.23
CA ASP B 88 -21.66 5.52 -17.50
C ASP B 88 -20.63 6.51 -16.95
N GLY B 89 -19.34 6.25 -17.19
CA GLY B 89 -18.32 7.21 -16.82
C GLY B 89 -17.99 7.17 -15.33
N LYS B 90 -18.35 6.09 -14.61
CA LYS B 90 -18.35 6.08 -13.15
C LYS B 90 -17.46 4.97 -12.57
N PHE B 91 -16.96 5.23 -11.36
CA PHE B 91 -16.14 4.28 -10.65
C PHE B 91 -17.00 3.10 -10.21
N GLY B 92 -17.99 3.40 -9.35
CA GLY B 92 -18.87 2.33 -8.90
C GLY B 92 -19.22 2.45 -7.42
N THR B 93 -20.53 2.59 -7.16
CA THR B 93 -21.10 2.46 -5.83
C THR B 93 -22.29 1.51 -5.91
N GLN B 94 -22.71 0.99 -4.75
CA GLN B 94 -23.86 0.12 -4.65
C GLN B 94 -25.05 0.99 -4.26
N GLU B 95 -26.03 1.14 -5.15
CA GLU B 95 -27.18 2.02 -4.92
C GLU B 95 -28.46 1.19 -4.78
N ARG B 96 -29.43 1.78 -4.08
CA ARG B 96 -30.80 1.26 -3.95
C ARG B 96 -31.50 1.27 -5.32
N VAL B 97 -32.30 0.25 -5.64
CA VAL B 97 -33.05 0.26 -6.90
C VAL B 97 -34.39 0.97 -6.70
N LYS B 102 -32.66 -5.40 -4.80
CA LYS B 102 -32.90 -4.16 -4.03
C LYS B 102 -31.67 -3.25 -4.09
N LYS B 103 -30.48 -3.83 -4.38
CA LYS B 103 -29.22 -3.08 -4.45
C LYS B 103 -28.41 -3.52 -5.68
N GLU B 104 -27.75 -2.55 -6.32
CA GLU B 104 -27.06 -2.80 -7.57
C GLU B 104 -25.84 -1.88 -7.74
N TRP B 105 -24.78 -2.46 -8.31
CA TRP B 105 -23.55 -1.71 -8.60
C TRP B 105 -23.65 -1.01 -9.95
N ASN B 106 -23.21 0.24 -9.97
CA ASN B 106 -23.03 0.96 -11.23
C ASN B 106 -21.54 1.06 -11.53
N GLY B 107 -21.19 1.81 -12.58
CA GLY B 107 -19.80 2.14 -12.88
C GLY B 107 -19.03 0.90 -13.33
N MET B 108 -17.70 0.93 -13.15
CA MET B 108 -16.86 -0.20 -13.52
C MET B 108 -17.19 -1.43 -12.65
N MET B 109 -17.61 -1.18 -11.40
CA MET B 109 -18.01 -2.30 -10.54
C MET B 109 -19.13 -3.10 -11.20
N GLY B 110 -20.20 -2.39 -11.61
CA GLY B 110 -21.34 -2.99 -12.28
C GLY B 110 -20.91 -3.74 -13.54
N GLU B 111 -20.05 -3.11 -14.37
CA GLU B 111 -19.60 -3.74 -15.58
C GLU B 111 -18.90 -5.07 -15.32
N LEU B 112 -17.99 -5.10 -14.35
CA LEU B 112 -17.30 -6.33 -14.00
C LEU B 112 -18.25 -7.42 -13.46
N LEU B 113 -19.26 -7.05 -12.66
CA LEU B 113 -20.11 -8.03 -11.98
C LEU B 113 -21.10 -8.68 -12.96
N SER B 114 -21.43 -7.97 -14.05
CA SER B 114 -22.43 -8.41 -15.03
C SER B 114 -21.79 -9.23 -16.16
N GLY B 115 -20.47 -9.10 -16.37
CA GLY B 115 -19.79 -9.80 -17.44
C GLY B 115 -19.41 -8.91 -18.63
N GLN B 116 -19.82 -7.64 -18.59
CA GLN B 116 -19.39 -6.69 -19.60
C GLN B 116 -17.85 -6.59 -19.61
N ALA B 117 -17.19 -6.72 -18.45
CA ALA B 117 -15.74 -6.72 -18.34
C ALA B 117 -15.27 -7.95 -17.59
N ASP B 118 -14.02 -8.35 -17.83
CA ASP B 118 -13.35 -9.42 -17.11
C ASP B 118 -12.27 -8.90 -16.14
N MET B 119 -11.91 -7.62 -16.29
CA MET B 119 -10.92 -7.02 -15.42
C MET B 119 -11.09 -5.51 -15.47
N ILE B 120 -10.99 -4.86 -14.30
CA ILE B 120 -10.92 -3.41 -14.19
C ILE B 120 -9.46 -3.00 -14.02
N VAL B 121 -8.96 -2.16 -14.93
CA VAL B 121 -7.59 -1.69 -14.86
C VAL B 121 -7.67 -0.19 -14.83
N ALA B 122 -7.53 0.39 -13.64
CA ALA B 122 -7.97 1.75 -13.38
C ALA B 122 -7.55 2.11 -11.97
N PRO B 123 -7.46 3.43 -11.62
CA PRO B 123 -7.24 3.87 -10.25
C PRO B 123 -8.46 3.58 -9.39
N LEU B 124 -8.69 2.29 -9.12
CA LEU B 124 -9.88 1.84 -8.41
C LEU B 124 -9.45 1.52 -6.96
N THR B 125 -10.06 2.24 -6.01
CA THR B 125 -9.68 2.18 -4.61
C THR B 125 -10.18 0.87 -3.99
N ILE B 126 -9.32 0.25 -3.17
CA ILE B 126 -9.62 -0.99 -2.49
C ILE B 126 -10.32 -0.65 -1.18
N ASN B 127 -11.56 -1.14 -0.99
CA ASN B 127 -12.27 -0.92 0.26
C ASN B 127 -13.15 -2.11 0.59
N ASN B 128 -13.75 -2.08 1.79
CA ASN B 128 -14.48 -3.21 2.32
C ASN B 128 -15.66 -3.58 1.42
N GLU B 129 -16.50 -2.58 1.05
CA GLU B 129 -17.77 -2.84 0.37
C GLU B 129 -17.58 -3.50 -0.99
N ARG B 130 -16.60 -3.01 -1.78
CA ARG B 130 -16.29 -3.60 -3.07
C ARG B 130 -15.71 -5.01 -2.94
N ALA B 131 -14.78 -5.21 -1.99
CA ALA B 131 -14.17 -6.52 -1.75
C ALA B 131 -15.16 -7.60 -1.31
N GLN B 132 -16.32 -7.24 -0.78
CA GLN B 132 -17.36 -8.23 -0.48
C GLN B 132 -17.85 -8.93 -1.76
N TYR B 133 -17.73 -8.24 -2.91
CA TYR B 133 -18.27 -8.70 -4.18
C TYR B 133 -17.21 -9.04 -5.22
N ILE B 134 -16.03 -8.37 -5.22
CA ILE B 134 -14.98 -8.65 -6.20
C ILE B 134 -13.66 -8.96 -5.50
N GLU B 135 -12.71 -9.44 -6.30
CA GLU B 135 -11.36 -9.71 -5.88
C GLU B 135 -10.45 -8.59 -6.38
N PHE B 136 -9.68 -8.03 -5.43
CA PHE B 136 -8.70 -7.02 -5.73
C PHE B 136 -7.32 -7.64 -5.66
N SER B 137 -6.42 -7.23 -6.54
CA SER B 137 -5.02 -7.60 -6.47
C SER B 137 -4.39 -6.91 -5.26
N LYS B 138 -3.16 -7.30 -4.92
CA LYS B 138 -2.35 -6.43 -4.08
C LYS B 138 -2.25 -5.06 -4.75
N PRO B 139 -2.05 -3.99 -3.96
CA PRO B 139 -2.06 -2.64 -4.52
C PRO B 139 -0.95 -2.40 -5.53
N PHE B 140 -1.25 -1.73 -6.63
CA PHE B 140 -0.21 -1.38 -7.58
C PHE B 140 0.29 0.03 -7.25
N LYS B 141 -0.44 0.71 -6.38
CA LYS B 141 -0.18 2.10 -6.04
C LYS B 141 -0.75 2.36 -4.64
N TYR B 142 -0.02 3.15 -3.85
CA TYR B 142 -0.42 3.55 -2.51
C TYR B 142 -0.63 5.05 -2.54
N GLN B 143 -1.76 5.50 -2.02
CA GLN B 143 -2.03 6.93 -1.93
C GLN B 143 -3.07 7.16 -0.81
N GLY B 144 -3.89 8.20 -0.94
CA GLY B 144 -4.93 8.56 0.01
C GLY B 144 -5.78 9.69 -0.56
N LEU B 145 -6.58 10.36 0.28
CA LEU B 145 -7.34 11.55 -0.11
C LEU B 145 -6.62 12.83 0.29
N THR B 146 -6.79 13.89 -0.52
CA THR B 146 -6.37 15.23 -0.15
C THR B 146 -7.31 16.22 -0.79
N ILE B 147 -7.01 17.54 -0.64
CA ILE B 147 -7.88 18.60 -1.09
C ILE B 147 -7.12 19.52 -2.05
N LEU B 148 -7.75 19.78 -3.21
CA LEU B 148 -7.22 20.64 -4.24
C LEU B 148 -7.95 21.97 -4.16
N VAL B 149 -7.20 23.08 -4.06
CA VAL B 149 -7.78 24.42 -4.09
C VAL B 149 -7.02 25.28 -5.11
N LYS B 150 -7.60 26.44 -5.44
CA LYS B 150 -6.95 27.48 -6.21
C LYS B 150 -5.88 28.13 -5.32
N LYS B 151 -4.74 28.51 -5.92
CA LYS B 151 -3.52 28.86 -5.19
C LYS B 151 -3.73 29.93 -4.12
N GLY B 152 -4.66 30.87 -4.36
CA GLY B 152 -4.97 31.91 -3.38
C GLY B 152 -5.29 31.39 -1.97
N THR B 153 -5.93 30.22 -1.89
CA THR B 153 -6.65 29.76 -0.70
C THR B 153 -5.73 29.08 0.31
N ARG B 154 -5.84 29.50 1.58
CA ARG B 154 -5.16 28.85 2.70
C ARG B 154 -6.22 28.15 3.55
N ILE B 155 -6.08 26.82 3.66
CA ILE B 155 -7.00 25.97 4.38
C ILE B 155 -6.16 25.06 5.28
N THR B 156 -6.70 24.65 6.44
CA THR B 156 -6.02 23.61 7.21
C THR B 156 -6.16 22.29 6.45
N GLY B 157 -7.40 21.94 6.12
CA GLY B 157 -7.68 20.67 5.49
C GLY B 157 -9.11 20.26 5.78
N ILE B 158 -9.34 18.95 5.95
CA ILE B 158 -10.68 18.39 6.04
C ILE B 158 -11.36 18.83 7.35
N ASN B 159 -10.62 19.49 8.25
CA ASN B 159 -11.15 19.91 9.53
C ASN B 159 -11.26 21.44 9.65
N ASP B 160 -10.78 22.17 8.64
CA ASP B 160 -10.91 23.63 8.57
C ASP B 160 -12.38 24.03 8.71
N PRO B 161 -12.70 25.10 9.48
CA PRO B 161 -14.08 25.53 9.70
C PRO B 161 -14.93 25.76 8.44
N ARG B 162 -14.31 26.20 7.34
CA ARG B 162 -15.03 26.50 6.11
C ARG B 162 -15.62 25.23 5.48
N LEU B 163 -15.04 24.06 5.75
CA LEU B 163 -15.63 22.77 5.36
C LEU B 163 -16.55 22.26 6.47
N ARG B 164 -16.18 22.52 7.74
CA ARG B 164 -16.85 21.96 8.90
C ARG B 164 -18.18 22.66 9.15
N ASN B 165 -18.16 23.99 9.13
CA ASN B 165 -19.39 24.79 9.14
C ASN B 165 -19.54 25.39 7.74
N PRO B 166 -20.16 24.68 6.77
CA PRO B 166 -20.29 25.18 5.41
C PRO B 166 -21.28 26.32 5.23
N SER B 167 -21.17 27.02 4.09
CA SER B 167 -22.11 28.04 3.63
C SER B 167 -21.98 28.16 2.11
N ASP B 168 -22.72 29.12 1.53
CA ASP B 168 -22.63 29.42 0.11
C ASP B 168 -21.34 30.19 -0.23
N LYS B 169 -20.61 30.68 0.78
CA LYS B 169 -19.45 31.55 0.58
C LYS B 169 -18.12 30.78 0.48
N PHE B 170 -18.17 29.43 0.47
CA PHE B 170 -17.01 28.60 0.17
C PHE B 170 -17.47 27.18 -0.23
N ILE B 171 -17.37 26.86 -1.53
CA ILE B 171 -18.02 25.70 -2.11
C ILE B 171 -17.02 24.56 -2.27
N TYR B 172 -17.43 23.34 -1.87
CA TYR B 172 -16.58 22.15 -1.98
C TYR B 172 -17.41 20.96 -2.44
N ALA B 173 -16.73 19.97 -3.07
CA ALA B 173 -17.40 18.88 -3.76
C ALA B 173 -16.47 17.70 -3.98
N THR B 174 -17.04 16.53 -4.33
CA THR B 174 -16.30 15.37 -4.81
C THR B 174 -16.99 14.86 -6.08
N VAL B 175 -16.58 13.70 -6.59
CA VAL B 175 -17.12 13.12 -7.79
C VAL B 175 -18.20 12.13 -7.40
N LYS B 176 -19.31 12.10 -8.15
CA LYS B 176 -20.45 11.26 -7.86
C LYS B 176 -20.14 9.81 -8.23
N GLN B 177 -20.76 8.86 -7.49
CA GLN B 177 -20.59 7.43 -7.75
C GLN B 177 -19.13 7.02 -7.61
N SER B 178 -18.42 7.74 -6.73
CA SER B 178 -17.13 7.35 -6.19
C SER B 178 -17.34 6.81 -4.78
N SER B 179 -16.30 6.15 -4.28
CA SER B 179 -16.30 5.60 -2.94
C SER B 179 -16.32 6.74 -1.92
N VAL B 180 -15.65 7.85 -2.23
CA VAL B 180 -15.69 9.05 -1.43
C VAL B 180 -17.10 9.65 -1.36
N ASP B 181 -17.87 9.63 -2.46
CA ASP B 181 -19.19 10.25 -2.43
C ASP B 181 -20.11 9.49 -1.46
N ILE B 182 -20.12 8.16 -1.53
CA ILE B 182 -21.13 7.42 -0.79
C ILE B 182 -20.67 7.25 0.67
N TYR B 183 -19.37 7.49 0.94
CA TYR B 183 -18.88 7.59 2.31
C TYR B 183 -19.46 8.81 3.03
N PHE B 184 -19.42 9.97 2.39
CA PHE B 184 -19.98 11.20 2.92
C PHE B 184 -21.49 11.05 3.14
N ARG B 185 -22.17 10.27 2.28
CA ARG B 185 -23.60 10.02 2.41
C ARG B 185 -23.96 9.18 3.64
N ARG B 186 -23.09 8.24 4.04
CA ARG B 186 -23.42 7.22 5.04
C ARG B 186 -22.95 7.59 6.43
N GLN B 187 -21.97 8.49 6.54
CA GLN B 187 -21.32 8.83 7.79
C GLN B 187 -22.07 9.94 8.54
N VAL B 188 -22.49 9.62 9.79
CA VAL B 188 -23.32 10.47 10.63
C VAL B 188 -22.69 11.85 10.89
N GLU B 189 -21.41 11.86 11.34
CA GLU B 189 -20.72 13.11 11.61
C GLU B 189 -20.50 13.94 10.34
N LEU B 190 -20.81 13.40 9.14
CA LEU B 190 -20.56 14.12 7.89
C LEU B 190 -21.86 14.67 7.30
N SER B 191 -22.99 14.46 7.99
CA SER B 191 -24.32 14.79 7.49
C SER B 191 -24.43 16.26 7.05
N THR B 192 -23.74 17.18 7.74
CA THR B 192 -23.82 18.59 7.38
C THR B 192 -22.91 18.93 6.19
N MET B 193 -21.78 18.22 6.08
CA MET B 193 -20.91 18.48 4.93
C MET B 193 -21.58 17.95 3.66
N TYR B 194 -22.20 16.76 3.74
CA TYR B 194 -22.91 16.21 2.60
C TYR B 194 -24.00 17.18 2.13
N ARG B 195 -24.82 17.72 3.05
CA ARG B 195 -25.89 18.63 2.66
C ARG B 195 -25.38 19.78 1.79
N HIS B 196 -24.13 20.21 2.00
CA HIS B 196 -23.48 21.21 1.17
C HIS B 196 -22.97 20.62 -0.15
N MET B 197 -22.34 19.44 -0.10
CA MET B 197 -21.69 18.83 -1.27
C MET B 197 -22.73 18.28 -2.24
N GLU B 198 -23.91 17.92 -1.71
CA GLU B 198 -24.99 17.38 -2.53
C GLU B 198 -25.29 18.32 -3.70
N LYS B 199 -25.21 19.63 -3.47
CA LYS B 199 -25.58 20.64 -4.43
C LYS B 199 -24.45 20.95 -5.43
N HIS B 200 -23.24 20.40 -5.20
CA HIS B 200 -22.09 20.80 -5.98
C HIS B 200 -21.30 19.62 -6.56
N ASN B 201 -21.60 18.36 -6.18
CA ASN B 201 -20.79 17.23 -6.64
C ASN B 201 -20.80 17.16 -8.18
N TYR B 202 -19.66 16.76 -8.77
CA TYR B 202 -19.51 16.69 -10.23
C TYR B 202 -19.58 15.26 -10.73
N GLU B 203 -19.67 15.15 -12.07
CA GLU B 203 -19.83 13.87 -12.73
C GLU B 203 -18.47 13.23 -13.02
N SER B 204 -17.41 14.06 -13.03
CA SER B 204 -16.09 13.61 -13.41
C SER B 204 -15.06 14.49 -12.70
N ALA B 205 -13.89 13.89 -12.46
CA ALA B 205 -12.80 14.57 -11.79
C ALA B 205 -12.28 15.75 -12.63
N ALA B 206 -12.36 15.63 -13.96
CA ALA B 206 -11.76 16.62 -14.84
C ALA B 206 -12.56 17.92 -14.83
N GLU B 207 -13.89 17.78 -14.94
CA GLU B 207 -14.80 18.91 -14.81
C GLU B 207 -14.56 19.65 -13.51
N ALA B 208 -14.45 18.89 -12.40
CA ALA B 208 -14.29 19.48 -11.07
C ALA B 208 -12.99 20.29 -11.02
N ILE B 209 -11.92 19.71 -11.57
CA ILE B 209 -10.59 20.31 -11.58
C ILE B 209 -10.63 21.62 -12.39
N GLN B 210 -11.30 21.63 -13.55
CA GLN B 210 -11.49 22.83 -14.33
C GLN B 210 -12.25 23.88 -13.51
N ALA B 211 -13.35 23.44 -12.88
CA ALA B 211 -14.20 24.30 -12.07
C ALA B 211 -13.41 25.05 -10.99
N VAL B 212 -12.42 24.40 -10.40
CA VAL B 212 -11.57 25.04 -9.41
C VAL B 212 -10.70 26.12 -10.05
N ARG B 213 -10.22 25.87 -11.27
CA ARG B 213 -9.35 26.81 -11.98
C ARG B 213 -10.07 28.12 -12.23
N ASP B 214 -11.41 28.06 -12.35
CA ASP B 214 -12.25 29.19 -12.72
C ASP B 214 -13.03 29.77 -11.54
N ASN B 215 -12.72 29.33 -10.32
CA ASN B 215 -13.32 29.88 -9.12
C ASN B 215 -14.80 29.54 -9.03
N LYS B 216 -15.26 28.54 -9.78
CA LYS B 216 -16.61 28.01 -9.66
C LYS B 216 -16.67 26.94 -8.54
N LEU B 217 -15.50 26.43 -8.13
CA LEU B 217 -15.35 25.48 -7.03
C LEU B 217 -14.13 25.83 -6.21
N HIS B 218 -14.27 25.87 -4.87
CA HIS B 218 -13.21 26.35 -4.01
C HIS B 218 -12.32 25.21 -3.52
N ALA B 219 -12.89 23.99 -3.43
CA ALA B 219 -12.18 22.86 -2.88
C ALA B 219 -12.76 21.56 -3.45
N PHE B 220 -11.85 20.68 -3.92
CA PHE B 220 -12.22 19.40 -4.51
C PHE B 220 -11.53 18.29 -3.71
N ILE B 221 -12.33 17.42 -3.06
CA ILE B 221 -11.80 16.30 -2.30
C ILE B 221 -11.64 15.08 -3.21
N TRP B 222 -10.39 14.60 -3.38
CA TRP B 222 -10.13 13.52 -4.33
C TRP B 222 -8.79 12.82 -4.06
N ASP B 223 -8.51 11.80 -4.88
CA ASP B 223 -7.32 10.96 -4.81
C ASP B 223 -6.07 11.81 -4.90
N SER B 224 -5.14 11.63 -3.97
CA SER B 224 -3.88 12.38 -3.95
C SER B 224 -3.05 12.12 -5.21
N ALA B 225 -3.01 10.86 -5.67
CA ALA B 225 -2.23 10.53 -6.85
C ALA B 225 -2.64 11.41 -8.03
N VAL B 226 -3.95 11.68 -8.16
CA VAL B 226 -4.44 12.53 -9.24
C VAL B 226 -4.20 14.00 -8.88
N LEU B 227 -4.57 14.41 -7.68
CA LEU B 227 -4.50 15.83 -7.35
C LEU B 227 -3.06 16.35 -7.33
N GLU B 228 -2.12 15.62 -6.70
CA GLU B 228 -0.74 16.07 -6.62
C GLU B 228 -0.14 16.20 -8.03
N PHE B 229 -0.58 15.30 -8.93
CA PHE B 229 -0.17 15.38 -10.32
C PHE B 229 -0.65 16.68 -10.92
N GLU B 230 -1.95 16.95 -10.79
CA GLU B 230 -2.51 18.19 -11.32
C GLU B 230 -1.66 19.39 -10.84
N ALA B 231 -1.39 19.42 -9.53
CA ALA B 231 -0.70 20.52 -8.89
C ALA B 231 0.74 20.67 -9.37
N SER B 232 1.36 19.55 -9.77
CA SER B 232 2.73 19.55 -10.27
C SER B 232 2.81 20.12 -11.69
N GLN B 233 1.65 20.16 -12.39
CA GLN B 233 1.59 20.45 -13.80
C GLN B 233 1.03 21.85 -14.02
N LYS B 234 -0.04 22.18 -13.28
CA LYS B 234 -0.65 23.50 -13.26
C LYS B 234 -0.18 24.27 -12.03
N CYS B 235 0.36 25.48 -12.25
CA CYS B 235 0.93 26.29 -11.17
C CYS B 235 -0.13 27.14 -10.46
N ASP B 236 -1.33 27.23 -11.03
CA ASP B 236 -2.45 27.89 -10.36
C ASP B 236 -3.28 26.92 -9.51
N LEU B 237 -2.73 25.73 -9.19
CA LEU B 237 -3.41 24.79 -8.31
C LEU B 237 -2.43 24.31 -7.23
N VAL B 238 -2.99 23.94 -6.07
CA VAL B 238 -2.22 23.41 -4.95
C VAL B 238 -3.11 22.46 -4.15
N THR B 239 -2.46 21.60 -3.37
CA THR B 239 -3.13 20.68 -2.48
C THR B 239 -2.78 21.13 -1.07
N THR B 240 -3.61 20.72 -0.11
CA THR B 240 -3.46 21.16 1.27
C THR B 240 -4.08 20.12 2.19
N GLY B 241 -3.62 20.16 3.45
CA GLY B 241 -3.94 19.13 4.44
C GLY B 241 -2.95 17.97 4.32
N GLU B 242 -2.99 17.06 5.28
CA GLU B 242 -2.22 15.82 5.18
C GLU B 242 -3.06 14.82 4.38
N LEU B 243 -2.41 13.79 3.83
CA LEU B 243 -3.17 12.67 3.30
C LEU B 243 -4.06 12.14 4.42
N PHE B 244 -5.28 11.72 4.07
CA PHE B 244 -6.14 11.00 5.00
C PHE B 244 -6.80 9.87 4.22
N PHE B 245 -7.23 8.82 4.94
CA PHE B 245 -7.74 7.60 4.36
C PHE B 245 -6.71 6.95 3.42
N ARG B 246 -5.44 6.92 3.84
CA ARG B 246 -4.40 6.19 3.13
C ARG B 246 -4.93 4.80 2.79
N SER B 247 -4.72 4.39 1.54
CA SER B 247 -5.29 3.18 0.97
C SER B 247 -4.61 2.96 -0.39
N GLY B 248 -5.02 1.91 -1.09
CA GLY B 248 -4.39 1.55 -2.36
C GLY B 248 -5.38 1.51 -3.52
N PHE B 249 -4.80 1.55 -4.73
CA PHE B 249 -5.49 1.16 -5.95
C PHE B 249 -5.14 -0.29 -6.26
N GLY B 250 -6.13 -1.05 -6.74
CA GLY B 250 -5.96 -2.44 -7.10
C GLY B 250 -6.62 -2.74 -8.43
N ILE B 251 -6.13 -3.77 -9.12
CA ILE B 251 -6.77 -4.39 -10.25
C ILE B 251 -7.98 -5.18 -9.75
N GLY B 252 -9.14 -5.04 -10.43
CA GLY B 252 -10.37 -5.70 -10.02
C GLY B 252 -10.73 -6.88 -10.92
N MET B 253 -11.11 -8.02 -10.32
CA MET B 253 -11.44 -9.24 -11.03
C MET B 253 -12.59 -9.94 -10.30
N ARG B 254 -13.35 -10.79 -10.99
CA ARG B 254 -14.40 -11.56 -10.35
C ARG B 254 -13.75 -12.60 -9.44
N LYS B 255 -14.50 -13.07 -8.45
CA LYS B 255 -13.97 -13.93 -7.41
C LYS B 255 -13.48 -15.25 -7.99
N ASP B 256 -14.04 -15.70 -9.13
CA ASP B 256 -13.58 -16.96 -9.72
C ASP B 256 -12.73 -16.71 -10.96
N SER B 257 -12.20 -15.51 -11.11
CA SER B 257 -11.19 -15.34 -12.14
C SER B 257 -10.05 -16.32 -11.87
N PRO B 258 -9.52 -17.01 -12.91
CA PRO B 258 -8.34 -17.85 -12.73
C PRO B 258 -7.02 -17.08 -12.86
N TRP B 259 -7.10 -15.74 -12.95
CA TRP B 259 -5.93 -14.91 -13.18
C TRP B 259 -5.38 -14.33 -11.88
N LYS B 260 -6.16 -14.43 -10.79
CA LYS B 260 -6.00 -13.57 -9.63
C LYS B 260 -4.66 -13.78 -8.94
N GLN B 261 -4.18 -15.03 -8.88
CA GLN B 261 -2.90 -15.29 -8.24
C GLN B 261 -1.79 -14.61 -9.04
N ASN B 262 -1.76 -14.82 -10.35
CA ASN B 262 -0.64 -14.34 -11.16
C ASN B 262 -0.70 -12.83 -11.38
N VAL B 263 -1.89 -12.23 -11.36
CA VAL B 263 -2.01 -10.78 -11.43
C VAL B 263 -1.31 -10.19 -10.20
N SER B 264 -1.65 -10.68 -9.00
CA SER B 264 -1.05 -10.25 -7.75
C SER B 264 0.46 -10.50 -7.68
N LEU B 265 0.92 -11.70 -8.05
CA LEU B 265 2.35 -11.97 -8.15
C LEU B 265 3.08 -10.98 -9.07
N SER B 266 2.50 -10.63 -10.23
CA SER B 266 3.13 -9.73 -11.19
C SER B 266 3.26 -8.33 -10.64
N ILE B 267 2.24 -7.90 -9.86
CA ILE B 267 2.29 -6.56 -9.29
C ILE B 267 3.42 -6.49 -8.26
N LEU B 268 3.54 -7.53 -7.41
CA LEU B 268 4.57 -7.57 -6.39
C LEU B 268 5.96 -7.53 -7.03
N LYS B 269 6.16 -8.42 -8.00
CA LYS B 269 7.38 -8.41 -8.80
C LYS B 269 7.71 -7.01 -9.36
N SER B 270 6.71 -6.31 -9.90
CA SER B 270 6.93 -5.02 -10.54
C SER B 270 7.30 -3.92 -9.53
N HIS B 271 6.76 -3.94 -8.31
CA HIS B 271 7.26 -3.03 -7.28
C HIS B 271 8.73 -3.34 -6.95
N GLU B 272 9.02 -4.64 -6.74
CA GLU B 272 10.30 -5.11 -6.23
C GLU B 272 11.43 -4.89 -7.24
N ASN B 273 11.13 -4.89 -8.54
CA ASN B 273 12.20 -4.84 -9.54
C ASN B 273 12.37 -3.45 -10.13
N GLY B 274 11.67 -2.46 -9.58
CA GLY B 274 11.77 -1.10 -10.10
C GLY B 274 10.73 -0.72 -11.16
N PHE B 275 9.95 -1.66 -11.71
CA PHE B 275 9.09 -1.28 -12.83
C PHE B 275 8.06 -0.22 -12.39
N MET B 276 7.46 -0.34 -11.19
CA MET B 276 6.41 0.61 -10.81
C MET B 276 7.03 1.98 -10.57
N GLU B 277 8.23 2.02 -10.00
CA GLU B 277 8.92 3.29 -9.81
C GLU B 277 9.22 3.88 -11.19
N ASP B 278 9.55 3.05 -12.18
CA ASP B 278 9.68 3.48 -13.57
C ASP B 278 8.41 4.17 -14.07
N LEU B 279 7.23 3.55 -13.87
CA LEU B 279 5.96 4.14 -14.29
C LEU B 279 5.74 5.50 -13.62
N ASP B 280 6.14 5.63 -12.35
CA ASP B 280 5.98 6.87 -11.60
C ASP B 280 6.90 7.97 -12.14
N LYS B 281 8.09 7.63 -12.61
CA LYS B 281 9.01 8.61 -13.16
C LYS B 281 8.50 9.09 -14.51
N THR B 282 7.84 8.19 -15.26
CA THR B 282 7.34 8.48 -16.60
C THR B 282 6.07 9.32 -16.54
N TRP B 283 5.10 8.95 -15.68
CA TRP B 283 3.72 9.46 -15.77
C TRP B 283 3.31 10.39 -14.63
N VAL B 284 3.98 10.27 -13.47
CA VAL B 284 3.47 10.82 -12.23
C VAL B 284 4.37 11.94 -11.67
N ARG B 285 5.69 11.90 -11.93
CA ARG B 285 6.62 12.84 -11.31
C ARG B 285 7.12 13.85 -12.35
N TYR B 286 6.36 14.95 -12.52
CA TYR B 286 6.61 16.00 -13.50
C TYR B 286 7.12 17.25 -12.80
N GLN B 287 7.93 18.05 -13.52
CA GLN B 287 8.60 19.21 -12.94
C GLN B 287 8.22 20.50 -13.68
N GLU B 288 6.92 20.72 -13.89
CA GLU B 288 6.41 21.96 -14.49
C GLU B 288 6.13 23.00 -13.41
N CYS B 289 6.04 22.56 -12.15
CA CYS B 289 5.91 23.44 -10.98
C CYS B 289 6.72 22.87 -9.81
N GLU C . 9.90 -6.82 7.67
CA GLU C . 11.00 -7.60 7.03
C GLU C . 10.55 -9.03 6.72
O GLU C . 9.35 -9.35 6.96
CB GLU C . 12.18 -7.74 8.01
CG GLU C . 13.07 -6.50 8.05
CD GLU C . 13.71 -6.20 6.69
OE1 GLU C . 13.49 -5.08 6.19
OE2 GLU C . 14.44 -7.10 6.18
OXT GLU C . 11.45 -9.81 6.32
H1 GLU C . 10.20 -6.00 7.89
H2 GLU C . 9.63 -7.23 8.42
H3 GLU C . 9.21 -6.74 7.10
HA GLU C . 11.28 -7.15 6.20
HB2 GLU C . 11.82 -7.90 8.91
HB3 GLU C . 12.72 -8.51 7.76
HG2 GLU C . 12.53 -5.73 8.31
HG3 GLU C . 13.77 -6.62 8.71
C1 A1ILO D . -11.97 7.07 -3.47
C2 A1ILO D . -11.17 6.88 -2.22
C3 A1ILO D . -11.84 6.32 -1.12
C4 A1ILO D . -11.18 6.16 0.08
C5 A1ILO D . -9.84 6.48 0.18
C6 A1ILO D . -9.17 7.00 -0.91
C7 A1ILO D . -9.82 7.22 -2.13
C8 A1ILO D . -11.89 5.55 1.21
C9 A1ILO D . -13.09 6.01 1.97
N10 A1ILO D . -13.37 5.04 2.87
O11 A1ILO D . -12.49 4.04 2.71
C12 A1ILO D . -11.56 4.21 1.75
C13 A1ILO D . -13.85 7.28 1.81
C14 A1ILO D . -10.46 3.27 1.37
C15 A1ILO D . -10.09 2.40 2.53
F16 A1ILO D . -7.86 7.30 -0.75
O17 A1ILO D . -13.18 6.77 -3.42
N18 A1ILO D . -11.36 7.53 -4.58
C19 A1ILO D . -11.98 7.65 -5.88
C20 A1ILO D . -11.84 6.50 -6.86
N21 A1ILO D . -10.45 6.02 -6.94
C22 A1ILO D . -12.71 5.31 -6.58
O23 A1ILO D . -12.19 4.17 -6.54
O24 A1ILO D . -13.93 5.44 -6.50
H3 A1ILO D . -12.89 6.07 -1.18
H5 A1ILO D . -9.31 6.30 1.11
H7 A1ILO D . -9.27 7.63 -2.95
H132 A1ILO D . -13.26 7.98 1.27
H13 A1ILO D . -14.06 7.69 2.77
H131 A1ILO D . -14.75 7.09 1.29
H141 A1ILO D . -10.79 2.66 0.53
H14 A1ILO D . -9.59 3.85 1.05
H15 A1ILO D . -10.78 1.60 2.62
H151 A1ILO D . -10.10 2.97 3.41
H152 A1ILO D . -9.12 2.00 2.38
HN18 A1ILO D . -10.39 7.76 -4.55
H19 A1ILO D . -11.56 8.53 -6.34
H191 A1ILO D . -13.04 7.85 -5.73
H20 A1ILO D . -12.12 6.89 -7.85
HN22 A1ILO D . -10.38 5.29 -7.68
HN23 A1ILO D . -10.17 5.62 -6.03
HN24 A1ILO D . -9.83 6.81 -7.18
#